data_7VP8
#
_entry.id   7VP8
#
_cell.length_a   178.441
_cell.length_b   178.441
_cell.length_c   178.441
_cell.angle_alpha   90.000
_cell.angle_beta   90.000
_cell.angle_gamma   90.000
#
_symmetry.space_group_name_H-M   'F 4 3 2'
#
loop_
_entity.id
_entity.type
_entity.pdbx_description
1 polymer 'Ferritin-like diiron domain-containing protein'
2 non-polymer 'FE (III) ION'
3 non-polymer 'CHLORIDE ION'
4 water water
#
_entity_poly.entity_id   1
_entity_poly.type   'polypeptide(L)'
_entity_poly.pdbx_seq_one_letter_code
;GSMVKSQKVIDVLNAHYNLNLELGSVYAQYAHIADDQFSMPFLAKFINDLSNDKLGVHKDLISEYARKIEIPLHTKFSVD
VSFKPTDPKELVKHILETEQKVRKHVANMAKVCLEEGDFETFSFVKWFVDDGIKDFDDVRTIHDFFENGNNNLQVEYAIR
KYLKQMKLEEEK
;
_entity_poly.pdbx_strand_id   A
#
loop_
_chem_comp.id
_chem_comp.type
_chem_comp.name
_chem_comp.formula
CL non-polymer 'CHLORIDE ION' 'Cl -1'
FE non-polymer 'FE (III) ION' 'Fe 3'
#
# COMPACT_ATOMS: atom_id res chain seq x y z
N SER A 2 28.47 -7.87 -14.92
CA SER A 2 28.55 -9.06 -14.06
C SER A 2 27.50 -8.94 -12.97
N MET A 3 27.21 -7.70 -12.61
CA MET A 3 26.05 -7.38 -11.79
C MET A 3 24.86 -6.95 -12.65
N VAL A 4 24.75 -7.49 -13.86
CA VAL A 4 23.64 -7.21 -14.76
C VAL A 4 22.43 -8.00 -14.27
N LYS A 5 21.35 -7.30 -13.97
CA LYS A 5 20.20 -7.89 -13.32
C LYS A 5 19.35 -8.68 -14.31
N SER A 6 18.71 -9.72 -13.82
CA SER A 6 17.90 -10.57 -14.68
C SER A 6 16.60 -9.88 -15.09
N GLN A 7 16.07 -10.26 -16.26
CA GLN A 7 14.79 -9.70 -16.70
C GLN A 7 13.67 -10.01 -15.73
N LYS A 8 13.71 -11.17 -15.07
CA LYS A 8 12.65 -11.48 -14.10
C LYS A 8 12.65 -10.48 -12.95
N VAL A 9 13.83 -10.10 -12.46
CA VAL A 9 13.90 -9.10 -11.40
C VAL A 9 13.49 -7.73 -11.91
N ILE A 10 13.96 -7.34 -13.09
CA ILE A 10 13.56 -6.07 -13.70
C ILE A 10 12.04 -5.99 -13.80
N ASP A 11 11.40 -7.09 -14.18
CA ASP A 11 9.94 -7.09 -14.35
C ASP A 11 9.21 -6.92 -13.02
N VAL A 12 9.64 -7.62 -11.96
CA VAL A 12 8.89 -7.49 -10.72
C VAL A 12 9.06 -6.11 -10.11
N LEU A 13 10.23 -5.49 -10.29
CA LEU A 13 10.43 -4.13 -9.77
C LEU A 13 9.59 -3.14 -10.56
N ASN A 14 9.57 -3.27 -11.88
CA ASN A 14 8.74 -2.40 -12.70
C ASN A 14 7.27 -2.55 -12.35
N ALA A 15 6.81 -3.80 -12.21
CA ALA A 15 5.42 -4.03 -11.82
C ALA A 15 5.11 -3.40 -10.47
N HIS A 16 6.03 -3.52 -9.51
CA HIS A 16 5.70 -3.01 -8.18
C HIS A 16 5.77 -1.48 -8.12
N TYR A 17 6.66 -0.86 -8.91
CA TYR A 17 6.63 0.60 -9.04
C TYR A 17 5.29 1.08 -9.54
N ASN A 18 4.82 0.49 -10.64
CA ASN A 18 3.56 0.89 -11.22
C ASN A 18 2.38 0.55 -10.30
N LEU A 19 2.47 -0.56 -9.55
CA LEU A 19 1.37 -0.90 -8.65
C LEU A 19 1.19 0.17 -7.58
N ASN A 20 2.29 0.74 -7.09
CA ASN A 20 2.18 1.74 -6.04
C ASN A 20 1.58 3.04 -6.57
N LEU A 21 1.96 3.44 -7.78
CA LEU A 21 1.31 4.59 -8.41
C LEU A 21 -0.18 4.32 -8.63
N GLU A 22 -0.50 3.13 -9.14
CA GLU A 22 -1.89 2.78 -9.36
C GLU A 22 -2.69 2.77 -8.06
N LEU A 23 -2.22 1.99 -7.07
CA LEU A 23 -2.94 1.89 -5.80
C LEU A 23 -2.97 3.20 -5.04
N GLY A 24 -1.90 3.99 -5.12
CA GLY A 24 -1.93 5.30 -4.48
C GLY A 24 -3.06 6.16 -5.00
N SER A 25 -3.27 6.15 -6.32
CA SER A 25 -4.35 6.90 -6.96
C SER A 25 -5.71 6.31 -6.59
N VAL A 26 -5.81 4.98 -6.57
CA VAL A 26 -7.07 4.33 -6.17
C VAL A 26 -7.42 4.68 -4.73
N TYR A 27 -6.44 4.56 -3.83
CA TYR A 27 -6.71 4.85 -2.42
C TYR A 27 -7.08 6.31 -2.19
N ALA A 28 -6.57 7.23 -3.02
CA ALA A 28 -6.99 8.63 -2.87
C ALA A 28 -8.49 8.78 -3.12
N GLN A 29 -9.02 8.03 -4.09
CA GLN A 29 -10.47 8.06 -4.32
C GLN A 29 -11.21 7.39 -3.17
N TYR A 30 -10.66 6.31 -2.60
CA TYR A 30 -11.29 5.69 -1.44
C TYR A 30 -11.36 6.68 -0.28
N ALA A 31 -10.29 7.43 -0.05
CA ALA A 31 -10.31 8.43 1.02
C ALA A 31 -11.38 9.48 0.74
N HIS A 32 -11.53 9.88 -0.51
CA HIS A 32 -12.60 10.80 -0.86
C HIS A 32 -13.96 10.22 -0.52
N ILE A 33 -14.20 8.96 -0.90
CA ILE A 33 -15.46 8.30 -0.60
C ILE A 33 -15.74 8.29 0.90
N ALA A 34 -14.72 7.97 1.70
CA ALA A 34 -14.88 7.91 3.15
C ALA A 34 -15.44 9.22 3.71
N ASP A 35 -14.95 10.35 3.21
CA ASP A 35 -15.41 11.65 3.68
C ASP A 35 -16.68 12.07 2.97
N ASP A 36 -16.70 11.95 1.64
CA ASP A 36 -17.83 12.42 0.84
C ASP A 36 -19.08 11.59 1.10
N GLN A 37 -18.96 10.27 1.10
CA GLN A 37 -20.17 9.46 1.22
C GLN A 37 -20.52 9.14 2.67
N PHE A 38 -19.52 8.86 3.50
CA PHE A 38 -19.80 8.38 4.85
C PHE A 38 -19.58 9.43 5.92
N SER A 39 -19.08 10.60 5.56
CA SER A 39 -18.80 11.67 6.51
C SER A 39 -17.92 11.16 7.65
N MET A 40 -16.85 10.46 7.28
CA MET A 40 -15.88 9.94 8.24
C MET A 40 -14.50 10.51 7.89
N PRO A 41 -14.24 11.76 8.29
CA PRO A 41 -12.96 12.41 7.90
C PRO A 41 -11.74 11.79 8.53
N PHE A 42 -11.84 11.17 9.71
CA PHE A 42 -10.66 10.53 10.27
C PHE A 42 -10.36 9.20 9.57
N LEU A 43 -11.40 8.46 9.19
CA LEU A 43 -11.16 7.33 8.30
C LEU A 43 -10.51 7.80 6.99
N ALA A 44 -10.98 8.93 6.46
CA ALA A 44 -10.38 9.48 5.24
C ALA A 44 -8.91 9.84 5.44
N LYS A 45 -8.57 10.42 6.59
CA LYS A 45 -7.17 10.72 6.89
C LYS A 45 -6.32 9.46 6.91
N PHE A 46 -6.82 8.39 7.53
CA PHE A 46 -6.07 7.15 7.56
C PHE A 46 -5.83 6.61 6.15
N ILE A 47 -6.88 6.59 5.33
CA ILE A 47 -6.74 6.10 3.96
C ILE A 47 -5.84 7.03 3.15
N ASN A 48 -5.94 8.34 3.38
CA ASN A 48 -5.10 9.26 2.62
C ASN A 48 -3.64 9.09 3.00
N ASP A 49 -3.35 8.73 4.25
CA ASP A 49 -1.97 8.45 4.64
C ASP A 49 -1.44 7.22 3.91
N LEU A 50 -2.28 6.19 3.77
CA LEU A 50 -1.91 5.01 2.99
C LEU A 50 -1.65 5.38 1.53
N SER A 51 -2.56 6.18 0.95
CA SER A 51 -2.37 6.66 -0.41
C SER A 51 -1.05 7.41 -0.56
N ASN A 52 -0.79 8.35 0.35
CA ASN A 52 0.42 9.18 0.26
C ASN A 52 1.67 8.31 0.32
N ASP A 53 1.65 7.25 1.10
N ASP A 53 1.63 7.27 1.13
CA ASP A 53 2.83 6.40 1.19
CA ASP A 53 2.75 6.34 1.24
C ASP A 53 3.09 5.65 -0.12
C ASP A 53 3.06 5.69 -0.10
N LYS A 54 2.03 5.15 -0.76
CA LYS A 54 2.23 4.46 -2.04
C LYS A 54 2.66 5.43 -3.14
N LEU A 55 2.05 6.62 -3.18
CA LEU A 55 2.38 7.63 -4.19
C LEU A 55 3.71 8.30 -3.93
N GLY A 56 4.22 8.21 -2.70
CA GLY A 56 5.45 8.90 -2.34
C GLY A 56 6.58 7.92 -2.08
N VAL A 57 6.78 7.60 -0.80
CA VAL A 57 7.93 6.79 -0.35
C VAL A 57 8.04 5.50 -1.13
N HIS A 58 6.94 4.76 -1.26
CA HIS A 58 7.01 3.43 -1.88
C HIS A 58 7.57 3.52 -3.29
N LYS A 59 6.97 4.36 -4.14
CA LYS A 59 7.45 4.45 -5.51
C LYS A 59 8.81 5.13 -5.58
N ASP A 60 9.05 6.13 -4.73
CA ASP A 60 10.34 6.82 -4.73
C ASP A 60 11.48 5.86 -4.40
N LEU A 61 11.28 4.98 -3.43
CA LEU A 61 12.32 4.02 -3.07
C LEU A 61 12.64 3.10 -4.24
N ILE A 62 11.61 2.66 -4.96
CA ILE A 62 11.84 1.69 -6.05
C ILE A 62 12.60 2.35 -7.20
N SER A 63 12.19 3.56 -7.62
CA SER A 63 12.87 4.16 -8.76
C SER A 63 14.31 4.54 -8.41
N GLU A 64 14.51 5.03 -7.19
N GLU A 64 14.56 5.02 -7.19
CA GLU A 64 15.84 5.29 -6.64
CA GLU A 64 15.96 5.28 -6.85
C GLU A 64 16.73 4.05 -6.74
C GLU A 64 16.77 4.00 -6.82
N TYR A 65 16.21 2.91 -6.29
CA TYR A 65 16.97 1.66 -6.31
C TYR A 65 17.20 1.18 -7.74
N ALA A 66 16.18 1.26 -8.60
CA ALA A 66 16.34 0.91 -10.01
C ALA A 66 17.50 1.68 -10.65
N ARG A 67 17.65 2.96 -10.31
CA ARG A 67 18.74 3.75 -10.87
C ARG A 67 20.10 3.25 -10.37
N LYS A 68 20.17 2.87 -9.11
CA LYS A 68 21.44 2.40 -8.57
C LYS A 68 21.91 1.13 -9.27
N ILE A 69 20.99 0.18 -9.49
CA ILE A 69 21.36 -1.08 -10.14
C ILE A 69 21.28 -0.97 -11.64
N GLU A 70 20.88 0.19 -12.17
CA GLU A 70 21.02 0.51 -13.59
C GLU A 70 20.12 -0.37 -14.45
N ILE A 71 18.86 -0.52 -14.04
CA ILE A 71 17.90 -1.28 -14.81
C ILE A 71 16.93 -0.30 -15.48
N PRO A 72 16.24 -0.73 -16.54
CA PRO A 72 15.21 0.14 -17.12
C PRO A 72 13.98 0.18 -16.23
N LEU A 73 13.39 1.36 -16.12
CA LEU A 73 12.13 1.55 -15.41
C LEU A 73 11.19 2.32 -16.33
N HIS A 74 9.96 1.84 -16.46
CA HIS A 74 9.00 2.49 -17.33
C HIS A 74 7.65 2.58 -16.62
N THR A 75 6.97 3.70 -16.81
CA THR A 75 5.69 3.97 -16.16
C THR A 75 4.56 3.68 -17.15
N LYS A 76 3.70 2.74 -16.80
CA LYS A 76 2.48 2.51 -17.57
C LYS A 76 1.47 1.84 -16.66
N PHE A 77 0.33 2.50 -16.44
CA PHE A 77 -0.73 1.93 -15.64
C PHE A 77 -2.00 2.73 -15.94
N SER A 78 -3.13 2.18 -15.54
CA SER A 78 -4.39 2.87 -15.69
C SER A 78 -5.23 2.67 -14.44
N VAL A 79 -6.04 3.68 -14.13
CA VAL A 79 -6.90 3.73 -12.95
C VAL A 79 -8.31 4.06 -13.41
N ASP A 80 -9.30 3.32 -12.90
CA ASP A 80 -10.72 3.59 -13.16
C ASP A 80 -11.46 3.06 -11.93
N VAL A 81 -11.65 3.92 -10.94
CA VAL A 81 -12.14 3.46 -9.64
C VAL A 81 -13.66 3.30 -9.73
N SER A 82 -14.11 2.04 -9.73
CA SER A 82 -15.50 1.67 -9.91
C SER A 82 -16.15 1.14 -8.64
N PHE A 83 -15.35 0.84 -7.61
CA PHE A 83 -15.88 0.26 -6.38
C PHE A 83 -16.89 1.19 -5.73
N LYS A 84 -18.05 0.66 -5.37
CA LYS A 84 -19.10 1.43 -4.71
C LYS A 84 -19.47 0.73 -3.40
N PRO A 85 -18.75 1.01 -2.31
CA PRO A 85 -19.07 0.38 -1.03
C PRO A 85 -20.45 0.82 -0.53
N THR A 86 -21.16 -0.10 0.09
CA THR A 86 -22.44 0.21 0.73
C THR A 86 -22.28 0.82 2.12
N ASP A 87 -21.15 0.59 2.77
CA ASP A 87 -20.94 1.14 4.11
C ASP A 87 -19.44 1.22 4.35
N PRO A 88 -19.00 1.97 5.37
CA PRO A 88 -17.56 2.18 5.53
C PRO A 88 -16.78 0.93 5.90
N LYS A 89 -17.38 -0.03 6.63
CA LYS A 89 -16.62 -1.25 6.91
C LYS A 89 -16.31 -2.02 5.64
N GLU A 90 -17.26 -2.04 4.70
CA GLU A 90 -17.02 -2.71 3.42
C GLU A 90 -15.87 -2.06 2.66
N LEU A 91 -15.78 -0.72 2.73
CA LEU A 91 -14.65 -0.01 2.15
C LEU A 91 -13.33 -0.45 2.78
N VAL A 92 -13.28 -0.49 4.11
CA VAL A 92 -12.05 -0.88 4.79
C VAL A 92 -11.69 -2.34 4.51
N LYS A 93 -12.69 -3.23 4.49
CA LYS A 93 -12.41 -4.63 4.14
C LYS A 93 -11.84 -4.75 2.74
N HIS A 94 -12.35 -3.96 1.79
CA HIS A 94 -11.82 -4.00 0.44
C HIS A 94 -10.37 -3.57 0.42
N ILE A 95 -10.03 -2.54 1.19
CA ILE A 95 -8.63 -2.11 1.29
C ILE A 95 -7.78 -3.20 1.92
N LEU A 96 -8.31 -3.85 2.97
CA LEU A 96 -7.60 -4.97 3.60
C LEU A 96 -7.27 -6.05 2.58
N GLU A 97 -8.26 -6.44 1.77
CA GLU A 97 -8.03 -7.46 0.75
C GLU A 97 -7.02 -6.98 -0.30
N THR A 98 -6.98 -5.67 -0.57
CA THR A 98 -5.97 -5.15 -1.50
C THR A 98 -4.57 -5.21 -0.88
N GLU A 99 -4.44 -4.89 0.42
CA GLU A 99 -3.15 -5.02 1.07
C GLU A 99 -2.71 -6.48 1.16
N GLN A 100 -3.66 -7.42 1.24
CA GLN A 100 -3.29 -8.82 1.18
C GLN A 100 -2.67 -9.17 -0.17
N LYS A 101 -3.21 -8.61 -1.25
CA LYS A 101 -2.59 -8.81 -2.56
C LYS A 101 -1.19 -8.18 -2.60
N VAL A 102 -1.02 -7.01 -1.97
CA VAL A 102 0.30 -6.38 -1.93
C VAL A 102 1.30 -7.30 -1.23
N ARG A 103 0.89 -7.90 -0.10
CA ARG A 103 1.76 -8.85 0.58
C ARG A 103 2.16 -10.00 -0.34
N LYS A 104 1.22 -10.50 -1.15
CA LYS A 104 1.55 -11.57 -2.08
C LYS A 104 2.53 -11.12 -3.14
N HIS A 105 2.30 -9.94 -3.71
CA HIS A 105 3.22 -9.40 -4.72
C HIS A 105 4.62 -9.24 -4.16
N VAL A 106 4.73 -8.76 -2.93
CA VAL A 106 6.04 -8.50 -2.34
C VAL A 106 6.75 -9.81 -2.05
N ALA A 107 6.00 -10.82 -1.56
CA ALA A 107 6.58 -12.14 -1.35
C ALA A 107 7.11 -12.72 -2.66
N ASN A 108 6.35 -12.55 -3.75
CA ASN A 108 6.81 -13.03 -5.04
C ASN A 108 8.09 -12.32 -5.47
N MET A 109 8.22 -11.02 -5.16
CA MET A 109 9.46 -10.32 -5.47
C MET A 109 10.64 -10.95 -4.75
N ALA A 110 10.48 -11.24 -3.46
CA ALA A 110 11.57 -11.84 -2.70
C ALA A 110 11.92 -13.20 -3.27
N LYS A 111 10.90 -14.00 -3.59
CA LYS A 111 11.09 -15.33 -4.16
C LYS A 111 11.90 -15.26 -5.46
N VAL A 112 11.56 -14.32 -6.33
CA VAL A 112 12.24 -14.21 -7.63
C VAL A 112 13.68 -13.75 -7.43
N CYS A 113 13.93 -12.85 -6.47
CA CYS A 113 15.30 -12.40 -6.21
C CYS A 113 16.18 -13.55 -5.75
N LEU A 114 15.68 -14.37 -4.83
CA LEU A 114 16.43 -15.53 -4.37
C LEU A 114 16.69 -16.53 -5.50
N GLU A 115 15.67 -16.80 -6.32
CA GLU A 115 15.84 -17.66 -7.48
C GLU A 115 16.98 -17.18 -8.38
N GLU A 116 17.12 -15.87 -8.53
CA GLU A 116 18.12 -15.31 -9.42
C GLU A 116 19.45 -15.04 -8.73
N GLY A 117 19.55 -15.29 -7.42
CA GLY A 117 20.77 -14.97 -6.72
C GLY A 117 21.06 -13.48 -6.66
N ASP A 118 20.01 -12.66 -6.67
CA ASP A 118 20.14 -11.20 -6.61
C ASP A 118 19.98 -10.78 -5.16
N PHE A 119 21.09 -10.81 -4.43
CA PHE A 119 21.01 -10.50 -3.00
C PHE A 119 20.88 -9.02 -2.75
N GLU A 120 21.42 -8.18 -3.65
CA GLU A 120 21.15 -6.75 -3.57
C GLU A 120 19.64 -6.47 -3.56
N THR A 121 18.91 -7.05 -4.52
CA THR A 121 17.49 -6.75 -4.58
C THR A 121 16.71 -7.51 -3.52
N PHE A 122 17.16 -8.71 -3.17
CA PHE A 122 16.56 -9.43 -2.05
C PHE A 122 16.61 -8.61 -0.78
N SER A 123 17.74 -7.94 -0.54
CA SER A 123 17.83 -7.12 0.67
C SER A 123 16.95 -5.87 0.54
N PHE A 124 16.94 -5.25 -0.65
CA PHE A 124 16.08 -4.08 -0.87
C PHE A 124 14.62 -4.42 -0.60
N VAL A 125 14.15 -5.57 -1.07
CA VAL A 125 12.75 -5.96 -0.96
C VAL A 125 12.31 -6.18 0.49
N LYS A 126 13.24 -6.49 1.40
CA LYS A 126 12.89 -6.70 2.81
C LYS A 126 12.09 -5.53 3.38
N TRP A 127 12.42 -4.30 2.96
CA TRP A 127 11.67 -3.15 3.46
C TRP A 127 10.20 -3.25 3.10
N PHE A 128 9.91 -3.74 1.90
CA PHE A 128 8.52 -3.89 1.48
C PHE A 128 7.84 -5.10 2.12
N VAL A 129 8.59 -6.17 2.38
CA VAL A 129 8.02 -7.29 3.14
C VAL A 129 7.53 -6.79 4.50
N ASP A 130 8.41 -6.11 5.23
CA ASP A 130 8.06 -5.66 6.57
C ASP A 130 6.98 -4.60 6.55
N ASP A 131 7.02 -3.70 5.57
CA ASP A 131 5.98 -2.69 5.48
C ASP A 131 4.67 -3.28 5.03
N GLY A 132 4.72 -4.34 4.21
CA GLY A 132 3.49 -5.00 3.79
C GLY A 132 2.68 -5.52 4.96
N ILE A 133 3.33 -6.23 5.89
CA ILE A 133 2.59 -6.79 7.02
C ILE A 133 2.14 -5.69 7.98
N LYS A 134 2.93 -4.62 8.11
CA LYS A 134 2.56 -3.54 9.01
C LYS A 134 1.34 -2.77 8.49
N ASP A 135 1.34 -2.42 7.19
CA ASP A 135 0.18 -1.74 6.62
C ASP A 135 -1.05 -2.61 6.71
N PHE A 136 -0.92 -3.89 6.34
CA PHE A 136 -2.04 -4.81 6.46
C PHE A 136 -2.59 -4.82 7.88
N ASP A 137 -1.70 -4.86 8.87
CA ASP A 137 -2.15 -4.96 10.26
C ASP A 137 -2.83 -3.67 10.73
N ASP A 138 -2.31 -2.51 10.29
CA ASP A 138 -2.95 -1.24 10.59
C ASP A 138 -4.36 -1.19 10.00
N VAL A 139 -4.52 -1.61 8.74
CA VAL A 139 -5.84 -1.59 8.13
C VAL A 139 -6.78 -2.53 8.87
N ARG A 140 -6.29 -3.72 9.25
CA ARG A 140 -7.16 -4.66 9.96
C ARG A 140 -7.56 -4.14 11.33
N THR A 141 -6.69 -3.34 11.98
CA THR A 141 -7.11 -2.72 13.24
C THR A 141 -8.28 -1.77 13.01
N ILE A 142 -8.19 -0.93 11.97
CA ILE A 142 -9.30 -0.03 11.64
C ILE A 142 -10.56 -0.84 11.35
N HIS A 143 -10.41 -1.92 10.59
CA HIS A 143 -11.55 -2.78 10.28
C HIS A 143 -12.19 -3.32 11.55
N ASP A 144 -11.37 -3.75 12.51
CA ASP A 144 -11.92 -4.34 13.73
C ASP A 144 -12.54 -3.31 14.65
N PHE A 145 -12.23 -2.03 14.49
CA PHE A 145 -12.98 -0.98 15.19
C PHE A 145 -14.47 -1.08 14.87
N PHE A 146 -14.80 -1.27 13.58
CA PHE A 146 -16.21 -1.34 13.18
C PHE A 146 -16.92 -2.48 13.87
N GLU A 147 -16.27 -3.65 13.97
CA GLU A 147 -16.88 -4.79 14.61
C GLU A 147 -16.83 -4.72 16.13
N ASN A 148 -16.15 -3.72 16.70
CA ASN A 148 -16.17 -3.49 18.14
C ASN A 148 -17.07 -2.33 18.53
N GLY A 149 -17.65 -1.60 17.57
CA GLY A 149 -18.43 -0.42 17.84
C GLY A 149 -19.86 -0.53 17.34
N ASN A 150 -20.63 0.51 17.64
CA ASN A 150 -22.04 0.53 17.28
C ASN A 150 -22.40 1.58 16.24
N ASN A 151 -21.56 2.58 16.01
CA ASN A 151 -21.87 3.63 15.04
C ASN A 151 -20.56 4.26 14.56
N ASN A 152 -20.68 5.09 13.52
CA ASN A 152 -19.50 5.64 12.87
C ASN A 152 -18.76 6.65 13.73
N LEU A 153 -19.48 7.37 14.62
CA LEU A 153 -18.81 8.35 15.48
C LEU A 153 -17.86 7.67 16.45
N GLN A 154 -18.26 6.53 17.01
CA GLN A 154 -17.36 5.77 17.88
C GLN A 154 -16.12 5.32 17.13
N VAL A 155 -16.30 4.82 15.90
CA VAL A 155 -15.17 4.39 15.10
C VAL A 155 -14.25 5.57 14.80
N GLU A 156 -14.84 6.70 14.40
CA GLU A 156 -14.05 7.91 14.14
C GLU A 156 -13.20 8.26 15.34
N TYR A 157 -13.77 8.17 16.54
CA TYR A 157 -13.00 8.42 17.75
C TYR A 157 -11.79 7.49 17.84
N ALA A 158 -12.02 6.19 17.60
CA ALA A 158 -10.93 5.22 17.70
C ALA A 158 -9.86 5.47 16.65
N ILE A 159 -10.27 5.84 15.44
CA ILE A 159 -9.30 6.10 14.38
C ILE A 159 -8.45 7.32 14.72
N ARG A 160 -9.08 8.40 15.20
CA ARG A 160 -8.34 9.61 15.53
C ARG A 160 -7.24 9.31 16.55
N LYS A 161 -7.57 8.51 17.57
CA LYS A 161 -6.56 8.14 18.56
C LYS A 161 -5.51 7.20 17.97
N TYR A 162 -5.90 6.27 17.11
CA TYR A 162 -4.94 5.38 16.46
C TYR A 162 -3.93 6.16 15.61
N LEU A 163 -4.38 7.21 14.97
CA LEU A 163 -3.51 8.01 14.12
C LEU A 163 -2.49 8.76 14.96
N LYS A 164 -2.93 9.29 16.09
CA LYS A 164 -2.00 9.94 17.03
C LYS A 164 -0.96 8.93 17.48
N GLN A 165 -1.39 7.73 17.78
CA GLN A 165 -0.49 6.68 18.23
C GLN A 165 0.51 6.27 17.16
N MET A 166 0.11 6.27 15.91
CA MET A 166 1.00 5.96 14.83
C MET A 166 2.04 7.05 14.65
N LYS A 167 1.67 8.30 14.87
CA LYS A 167 2.59 9.40 14.73
C LYS A 167 3.59 9.40 15.87
N LEU A 168 3.25 8.80 17.00
CA LEU A 168 4.19 8.64 18.10
C LEU A 168 4.84 7.34 17.80
N GLU A 169 5.24 7.14 16.57
CA GLU A 169 5.88 5.92 16.12
C GLU A 169 5.24 4.67 16.64
FE FE B . 3.89 1.71 3.64
FE FE C . 3.56 2.24 6.61
FE FE D . -2.05 -7.15 15.94
FE FE E . 17.79 -5.44 8.41
CL CL F . -17.63 -5.94 4.97
CL CL G . -18.84 -4.98 20.85
CL CL H . -16.55 -9.67 21.66
#